data_8G2H
#
_entry.id   8G2H
#
_cell.length_a   84.215
_cell.length_b   84.215
_cell.length_c   130.426
_cell.angle_alpha   90.00
_cell.angle_beta   90.00
_cell.angle_gamma   120.00
#
_symmetry.space_group_name_H-M   'P 32 2 1'
#
loop_
_entity.id
_entity.type
_entity.pdbx_description
1 polymer 'Histone-arginine methyltransferase CARM1'
2 non-polymer "5'-S-[2-(benzylcarbamamido)ethyl]-5'-thioadenosine"
3 non-polymer GLYCEROL
4 non-polymer 'SODIUM ION'
5 non-polymer 'UNKNOWN ATOM OR ION'
6 water water
#
_entity_poly.entity_id   1
_entity_poly.type   'polypeptide(L)'
_entity_poly.pdbx_seq_one_letter_code
;MHHHHHHSSGRENLYFQGRTEESSAVQYFQFYGYLSQQQNMMQDYVRTGTYQRAILQNHTDFKDKIVLDVGCGSGILSFF
AAQAGARKIYAVEASTMAQHAEVLVKSNNLTDRIVVIPGKVEEVSLPEQVDIIISEPMGYMLFNERMLESYLHAKKYLKP
SGNMFPTIGDVHLAPFTDEQLYMEQFTKANFWYQPSFHGVDLSALRGAAVDEYFRQPVVDTFDIRILMAKSVKYTVNFLE
AKEGDLHRIEIPFKFHMLHSGLVHGLAFWFDVAFIGSIMTVWLSTAPTEPLTHWYQVRCLFQSPLFAKAGDTLSGTCLLI
ANKRQSYDISIVAQVDQTGSKSSNLLDLKNPFFRYTGTT
;
_entity_poly.pdbx_strand_id   A
#
# COMPACT_ATOMS: atom_id res chain seq x y z
N SER A 23 -2.03 -11.95 17.51
CA SER A 23 -0.84 -12.80 17.24
C SER A 23 -0.10 -12.31 15.99
N SER A 24 -0.85 -12.05 14.91
CA SER A 24 -0.35 -11.42 13.66
C SER A 24 0.31 -10.10 14.01
N ALA A 25 -0.26 -9.35 14.97
CA ALA A 25 0.22 -8.04 15.44
C ALA A 25 1.60 -8.19 16.12
N VAL A 26 1.82 -9.27 16.86
CA VAL A 26 3.14 -9.54 17.52
C VAL A 26 4.19 -9.72 16.43
N GLN A 27 3.91 -10.55 15.42
CA GLN A 27 4.82 -10.82 14.27
C GLN A 27 5.11 -9.48 13.57
N TYR A 28 4.10 -8.62 13.41
CA TYR A 28 4.21 -7.32 12.68
C TYR A 28 5.23 -6.41 13.41
N PHE A 29 5.07 -6.22 14.71
CA PHE A 29 5.95 -5.31 15.50
C PHE A 29 7.34 -5.94 15.64
N GLN A 30 7.46 -7.26 15.75
CA GLN A 30 8.80 -7.92 15.77
C GLN A 30 9.54 -7.61 14.46
N PHE A 31 8.85 -7.72 13.33
CA PHE A 31 9.44 -7.51 11.99
C PHE A 31 10.05 -6.10 11.89
N TYR A 32 9.31 -5.08 12.32
CA TYR A 32 9.71 -3.67 12.14
C TYR A 32 10.73 -3.25 13.21
N GLY A 33 11.00 -4.08 14.21
CA GLY A 33 12.02 -3.78 15.24
C GLY A 33 13.45 -3.99 14.73
N TYR A 34 13.63 -4.58 13.55
CA TYR A 34 14.97 -4.88 12.99
C TYR A 34 15.47 -3.68 12.20
N LEU A 35 16.70 -3.23 12.50
CA LEU A 35 17.33 -2.16 11.71
C LEU A 35 17.43 -2.59 10.25
N SER A 36 17.62 -3.89 9.99
CA SER A 36 17.75 -4.37 8.59
C SER A 36 16.48 -4.04 7.79
N GLN A 37 15.31 -4.16 8.42
N GLN A 37 15.32 -4.13 8.45
CA GLN A 37 14.04 -3.87 7.70
CA GLN A 37 13.99 -3.94 7.80
C GLN A 37 13.92 -2.36 7.51
C GLN A 37 13.70 -2.44 7.66
N GLN A 38 14.18 -1.60 8.56
CA GLN A 38 14.10 -0.12 8.44
C GLN A 38 15.06 0.33 7.31
N GLN A 39 16.30 -0.20 7.24
CA GLN A 39 17.30 0.12 6.18
C GLN A 39 16.69 -0.18 4.81
N ASN A 40 16.02 -1.32 4.67
CA ASN A 40 15.45 -1.76 3.37
C ASN A 40 14.51 -0.66 2.86
N MET A 41 13.61 -0.19 3.71
CA MET A 41 12.59 0.84 3.33
C MET A 41 13.32 2.16 3.04
N MET A 42 14.33 2.50 3.84
CA MET A 42 15.01 3.80 3.73
C MET A 42 15.88 3.88 2.47
N GLN A 43 16.19 2.74 1.84
CA GLN A 43 16.96 2.65 0.59
C GLN A 43 16.07 2.92 -0.64
N ASP A 44 14.76 3.13 -0.46
CA ASP A 44 13.88 3.57 -1.55
C ASP A 44 14.02 5.09 -1.71
N TYR A 45 14.76 5.54 -2.72
N TYR A 45 14.77 5.50 -2.72
CA TYR A 45 15.12 6.97 -2.89
CA TYR A 45 15.14 6.92 -3.00
C TYR A 45 13.90 7.80 -3.31
C TYR A 45 13.88 7.74 -3.25
N VAL A 46 12.93 7.20 -4.01
CA VAL A 46 11.69 7.94 -4.34
C VAL A 46 10.93 8.21 -3.03
N ARG A 47 10.76 7.20 -2.19
CA ARG A 47 10.08 7.34 -0.89
C ARG A 47 10.77 8.43 -0.05
N THR A 48 12.09 8.33 0.13
CA THR A 48 12.81 9.30 1.00
C THR A 48 12.69 10.69 0.42
N GLY A 49 13.05 10.86 -0.85
CA GLY A 49 13.13 12.17 -1.48
C GLY A 49 11.78 12.82 -1.54
N THR A 50 10.72 12.07 -1.78
CA THR A 50 9.38 12.69 -1.94
C THR A 50 8.87 13.16 -0.57
N TYR A 51 9.02 12.37 0.48
CA TYR A 51 8.62 12.81 1.84
C TYR A 51 9.43 14.05 2.22
N GLN A 52 10.73 14.06 1.96
CA GLN A 52 11.54 15.23 2.41
C GLN A 52 11.06 16.46 1.64
N ARG A 53 10.82 16.34 0.34
CA ARG A 53 10.37 17.47 -0.50
C ARG A 53 9.00 17.95 -0.01
N ALA A 54 8.10 17.03 0.29
CA ALA A 54 6.73 17.41 0.74
C ALA A 54 6.81 18.25 2.00
N ILE A 55 7.61 17.82 2.97
CA ILE A 55 7.74 18.53 4.26
C ILE A 55 8.47 19.85 4.03
N LEU A 56 9.60 19.84 3.35
CA LEU A 56 10.48 21.05 3.32
C LEU A 56 9.97 22.10 2.33
N GLN A 57 9.37 21.72 1.19
N GLN A 57 9.34 21.71 1.21
CA GLN A 57 8.76 22.76 0.32
CA GLN A 57 8.69 22.69 0.28
C GLN A 57 7.63 23.45 1.11
C GLN A 57 7.48 23.34 0.97
N ASN A 58 6.97 22.73 2.04
CA ASN A 58 5.88 23.28 2.88
C ASN A 58 6.43 23.65 4.28
N HIS A 59 7.66 24.14 4.36
CA HIS A 59 8.30 24.37 5.68
C HIS A 59 7.47 25.35 6.52
N THR A 60 6.78 26.30 5.89
CA THR A 60 5.98 27.32 6.64
C THR A 60 4.84 26.62 7.39
N ASP A 61 4.38 25.44 6.95
CA ASP A 61 3.34 24.65 7.63
C ASP A 61 3.87 23.98 8.89
N PHE A 62 5.19 23.79 9.00
CA PHE A 62 5.83 23.07 10.12
C PHE A 62 6.50 24.03 11.10
N LYS A 63 6.99 25.16 10.61
CA LYS A 63 7.81 26.08 11.45
C LYS A 63 7.02 26.49 12.68
N ASP A 64 7.58 26.28 13.87
CA ASP A 64 7.01 26.68 15.18
C ASP A 64 5.76 25.87 15.51
N LYS A 65 5.50 24.76 14.80
CA LYS A 65 4.30 23.93 15.04
C LYS A 65 4.62 22.71 15.90
N ILE A 66 3.55 22.04 16.36
CA ILE A 66 3.59 20.77 17.11
C ILE A 66 3.21 19.64 16.13
N VAL A 67 4.05 18.61 16.08
CA VAL A 67 3.91 17.49 15.11
C VAL A 67 3.80 16.16 15.85
N LEU A 68 3.00 15.25 15.32
CA LEU A 68 2.97 13.84 15.72
C LEU A 68 3.45 13.00 14.53
N ASP A 69 4.49 12.19 14.72
CA ASP A 69 4.98 11.18 13.75
C ASP A 69 4.48 9.80 14.19
N VAL A 70 3.54 9.21 13.44
CA VAL A 70 2.89 7.93 13.82
C VAL A 70 3.73 6.79 13.24
N GLY A 71 4.29 5.95 14.09
CA GLY A 71 5.07 4.79 13.62
C GLY A 71 6.40 5.25 13.06
N CYS A 72 7.20 5.92 13.87
CA CYS A 72 8.33 6.77 13.37
C CYS A 72 9.47 5.88 12.84
N GLY A 73 9.53 4.60 13.20
CA GLY A 73 10.66 3.77 12.76
C GLY A 73 11.97 4.38 13.23
N SER A 74 12.88 4.59 12.29
CA SER A 74 14.20 5.23 12.49
C SER A 74 14.05 6.65 13.04
N GLY A 75 12.91 7.31 12.82
CA GLY A 75 12.70 8.70 13.22
C GLY A 75 12.92 9.70 12.09
N ILE A 76 13.29 9.27 10.89
CA ILE A 76 13.72 10.23 9.84
C ILE A 76 12.62 11.26 9.51
N LEU A 77 11.32 10.93 9.54
CA LEU A 77 10.31 11.99 9.25
C LEU A 77 10.32 13.04 10.35
N SER A 78 10.56 12.63 11.59
CA SER A 78 10.67 13.59 12.73
C SER A 78 11.87 14.50 12.47
N PHE A 79 12.97 13.98 11.95
CA PHE A 79 14.11 14.84 11.59
C PHE A 79 13.73 15.81 10.47
N PHE A 80 12.98 15.37 9.49
CA PHE A 80 12.54 16.28 8.41
C PHE A 80 11.64 17.39 8.99
N ALA A 81 10.73 17.03 9.90
CA ALA A 81 9.87 18.05 10.57
C ALA A 81 10.77 19.03 11.35
N ALA A 82 11.81 18.54 12.02
CA ALA A 82 12.76 19.41 12.76
C ALA A 82 13.51 20.30 11.77
N GLN A 83 13.91 19.78 10.59
CA GLN A 83 14.60 20.55 9.55
C GLN A 83 13.75 21.74 9.09
N ALA A 84 12.43 21.56 9.13
CA ALA A 84 11.44 22.59 8.73
C ALA A 84 11.14 23.53 9.89
N GLY A 85 11.76 23.37 11.05
CA GLY A 85 11.64 24.34 12.16
C GLY A 85 10.49 24.04 13.10
N ALA A 86 9.96 22.80 13.14
CA ALA A 86 8.90 22.43 14.09
C ALA A 86 9.37 22.66 15.53
N ARG A 87 8.49 23.15 16.39
CA ARG A 87 8.86 23.48 17.79
C ARG A 87 8.94 22.21 18.63
N LYS A 88 8.10 21.23 18.36
CA LYS A 88 8.02 20.01 19.16
C LYS A 88 7.45 18.90 18.28
N ILE A 89 8.12 17.75 18.26
CA ILE A 89 7.69 16.57 17.48
C ILE A 89 7.60 15.40 18.44
N TYR A 90 6.42 14.79 18.53
CA TYR A 90 6.21 13.54 19.26
C TYR A 90 6.36 12.39 18.27
N ALA A 91 7.35 11.54 18.48
CA ALA A 91 7.65 10.40 17.59
C ALA A 91 7.21 9.12 18.27
N VAL A 92 6.11 8.53 17.83
CA VAL A 92 5.51 7.36 18.49
C VAL A 92 5.89 6.09 17.73
N GLU A 93 6.37 5.08 18.44
CA GLU A 93 6.83 3.82 17.81
C GLU A 93 6.62 2.66 18.79
N ALA A 94 5.90 1.63 18.33
CA ALA A 94 5.55 0.45 19.17
C ALA A 94 6.62 -0.61 19.21
N SER A 95 7.49 -0.71 18.20
CA SER A 95 8.53 -1.76 18.13
C SER A 95 9.75 -1.34 18.93
N THR A 96 10.74 -2.24 19.02
CA THR A 96 12.03 -1.96 19.68
C THR A 96 12.78 -0.89 18.88
N MET A 97 12.32 -0.51 17.70
CA MET A 97 12.95 0.58 16.93
C MET A 97 12.91 1.90 17.72
N ALA A 98 11.97 2.07 18.67
CA ALA A 98 11.87 3.31 19.45
C ALA A 98 13.23 3.62 20.12
N GLN A 99 13.91 2.58 20.62
N GLN A 99 13.91 2.59 20.65
CA GLN A 99 15.21 2.74 21.33
CA GLN A 99 15.23 2.77 21.32
C GLN A 99 16.28 3.25 20.34
C GLN A 99 16.23 3.34 20.31
N HIS A 100 16.23 2.84 19.08
CA HIS A 100 17.21 3.27 18.05
C HIS A 100 16.89 4.72 17.64
N ALA A 101 15.62 5.07 17.45
CA ALA A 101 15.25 6.46 17.13
C ALA A 101 15.78 7.40 18.23
N GLU A 102 15.66 7.01 19.49
N GLU A 102 15.64 7.01 19.49
CA GLU A 102 16.11 7.86 20.63
CA GLU A 102 16.12 7.83 20.65
C GLU A 102 17.63 8.08 20.52
C GLU A 102 17.63 8.08 20.50
N VAL A 103 18.40 7.06 20.14
CA VAL A 103 19.87 7.21 19.90
C VAL A 103 20.12 8.28 18.82
N LEU A 104 19.38 8.27 17.72
CA LEU A 104 19.59 9.25 16.64
C LEU A 104 19.19 10.65 17.15
N VAL A 105 18.13 10.76 17.93
CA VAL A 105 17.71 12.10 18.42
C VAL A 105 18.86 12.70 19.27
N LYS A 106 19.44 11.89 20.15
CA LYS A 106 20.57 12.36 20.99
C LYS A 106 21.77 12.69 20.12
N SER A 107 22.13 11.85 19.17
CA SER A 107 23.38 12.04 18.38
C SER A 107 23.23 13.21 17.41
N ASN A 108 22.01 13.61 17.05
CA ASN A 108 21.74 14.75 16.15
C ASN A 108 21.40 16.01 16.95
N ASN A 109 21.50 15.93 18.28
N ASN A 109 21.61 15.97 18.26
CA ASN A 109 21.44 17.08 19.21
CA ASN A 109 21.43 17.14 19.17
C ASN A 109 20.04 17.71 19.19
C ASN A 109 20.04 17.73 18.96
N LEU A 110 19.01 16.88 19.03
CA LEU A 110 17.62 17.35 18.85
C LEU A 110 16.74 16.91 20.04
N THR A 111 17.29 16.64 21.21
CA THR A 111 16.48 16.21 22.37
C THR A 111 15.58 17.37 22.86
N ASP A 112 15.84 18.61 22.48
CA ASP A 112 14.97 19.75 22.88
C ASP A 112 13.69 19.77 22.03
N ARG A 113 13.68 19.13 20.85
CA ARG A 113 12.54 19.31 19.91
C ARG A 113 11.89 17.97 19.54
N ILE A 114 12.59 16.84 19.64
CA ILE A 114 11.97 15.53 19.30
C ILE A 114 11.89 14.70 20.56
N VAL A 115 10.69 14.24 20.87
CA VAL A 115 10.39 13.37 22.03
C VAL A 115 9.92 12.02 21.51
N VAL A 116 10.69 10.97 21.74
CA VAL A 116 10.30 9.60 21.34
C VAL A 116 9.39 9.02 22.43
N ILE A 117 8.21 8.57 22.04
CA ILE A 117 7.24 7.90 22.94
C ILE A 117 7.10 6.44 22.52
N PRO A 118 7.66 5.49 23.28
CA PRO A 118 7.51 4.08 22.97
C PRO A 118 6.08 3.64 23.28
N GLY A 119 5.48 2.92 22.34
CA GLY A 119 4.17 2.28 22.51
C GLY A 119 3.28 2.46 21.29
N LYS A 120 2.06 1.94 21.37
CA LYS A 120 1.04 2.03 20.30
C LYS A 120 0.38 3.40 20.36
N VAL A 121 0.14 4.02 19.23
CA VAL A 121 -0.48 5.36 19.18
C VAL A 121 -1.90 5.28 19.81
N GLU A 122 -2.47 4.08 19.83
CA GLU A 122 -3.83 3.82 20.41
C GLU A 122 -3.79 3.85 21.93
N GLU A 123 -2.61 3.69 22.55
CA GLU A 123 -2.48 3.46 24.02
C GLU A 123 -1.67 4.55 24.71
N VAL A 124 -0.79 5.27 24.01
CA VAL A 124 0.13 6.24 24.65
C VAL A 124 -0.63 7.51 25.06
N SER A 125 -0.03 8.31 25.92
CA SER A 125 -0.53 9.64 26.36
C SER A 125 0.36 10.72 25.76
N LEU A 126 -0.20 11.58 24.92
CA LEU A 126 0.48 12.82 24.48
C LEU A 126 0.10 13.92 25.45
N PRO A 127 1.03 14.81 25.85
CA PRO A 127 0.68 15.88 26.77
C PRO A 127 -0.08 17.04 26.13
N GLU A 128 -0.24 17.06 24.80
CA GLU A 128 -0.90 18.18 24.10
C GLU A 128 -1.40 17.74 22.71
N GLN A 129 -2.35 18.48 22.16
CA GLN A 129 -2.84 18.30 20.76
C GLN A 129 -1.77 18.83 19.79
N VAL A 130 -1.83 18.36 18.54
CA VAL A 130 -0.79 18.65 17.52
C VAL A 130 -1.41 19.40 16.35
N ASP A 131 -0.57 20.11 15.60
CA ASP A 131 -0.94 20.88 14.41
C ASP A 131 -0.95 19.97 13.17
N ILE A 132 -0.07 18.97 13.12
N ILE A 132 -0.02 19.00 13.14
CA ILE A 132 0.04 18.16 11.87
CA ILE A 132 0.23 18.14 11.95
C ILE A 132 0.53 16.77 12.25
C ILE A 132 0.48 16.70 12.39
N ILE A 133 -0.07 15.75 11.64
CA ILE A 133 0.32 14.33 11.78
C ILE A 133 1.09 13.96 10.52
N ILE A 134 2.25 13.37 10.70
CA ILE A 134 3.04 12.80 9.56
C ILE A 134 3.19 11.31 9.80
N SER A 135 3.28 10.54 8.73
CA SER A 135 3.44 9.08 8.82
C SER A 135 3.80 8.49 7.45
N GLU A 136 4.34 7.28 7.47
CA GLU A 136 4.38 6.40 6.29
C GLU A 136 3.62 5.13 6.65
N PRO A 137 2.28 5.14 6.47
CA PRO A 137 1.43 4.01 6.80
C PRO A 137 0.98 3.13 5.63
N MET A 138 1.59 3.32 4.47
CA MET A 138 1.12 2.68 3.21
C MET A 138 1.76 1.30 3.03
N GLY A 139 0.95 0.33 2.68
CA GLY A 139 1.42 -1.01 2.27
C GLY A 139 1.16 -1.26 0.81
N TYR A 140 1.43 -2.47 0.35
CA TYR A 140 1.03 -2.89 -1.01
C TYR A 140 -0.44 -2.56 -1.24
N MET A 141 -0.78 -2.11 -2.43
CA MET A 141 -2.19 -1.78 -2.79
C MET A 141 -2.73 -0.74 -1.79
N LEU A 142 -1.86 0.14 -1.26
CA LEU A 142 -2.11 1.19 -0.26
C LEU A 142 -2.44 0.60 1.12
N PHE A 143 -3.41 -0.32 1.22
CA PHE A 143 -4.04 -0.68 2.51
C PHE A 143 -3.32 -1.84 3.22
N ASN A 144 -2.48 -2.61 2.55
CA ASN A 144 -1.89 -3.81 3.18
C ASN A 144 -1.15 -3.43 4.47
N GLU A 145 -1.27 -4.29 5.49
CA GLU A 145 -0.68 -4.19 6.85
C GLU A 145 -1.58 -3.38 7.79
N ARG A 146 -2.61 -2.69 7.25
CA ARG A 146 -3.71 -2.04 8.01
C ARG A 146 -3.20 -0.87 8.86
N MET A 147 -2.02 -0.34 8.58
CA MET A 147 -1.50 0.77 9.40
C MET A 147 -2.29 2.06 9.18
N LEU A 148 -2.99 2.20 8.06
CA LEU A 148 -3.79 3.43 7.85
C LEU A 148 -4.83 3.55 8.97
N GLU A 149 -5.27 2.43 9.56
CA GLU A 149 -6.26 2.48 10.68
C GLU A 149 -5.62 3.17 11.89
N SER A 150 -4.32 2.93 12.17
CA SER A 150 -3.61 3.61 13.29
C SER A 150 -3.38 5.08 12.96
N TYR A 151 -3.07 5.40 11.70
CA TYR A 151 -2.90 6.78 11.21
C TYR A 151 -4.20 7.57 11.47
N LEU A 152 -5.34 7.00 11.07
CA LEU A 152 -6.65 7.68 11.24
C LEU A 152 -6.98 7.77 12.72
N HIS A 153 -6.69 6.73 13.49
CA HIS A 153 -6.93 6.71 14.95
C HIS A 153 -6.24 7.93 15.57
N ALA A 154 -5.03 8.24 15.12
CA ALA A 154 -4.17 9.28 15.72
C ALA A 154 -4.82 10.67 15.61
N LYS A 155 -5.84 10.84 14.78
CA LYS A 155 -6.53 12.15 14.64
C LYS A 155 -7.20 12.56 15.96
N LYS A 156 -7.32 11.66 16.94
CA LYS A 156 -7.80 12.07 18.28
C LYS A 156 -6.88 13.14 18.86
N TYR A 157 -5.62 13.21 18.41
CA TYR A 157 -4.64 14.20 18.88
C TYR A 157 -4.56 15.44 17.99
N LEU A 158 -5.27 15.48 16.88
CA LEU A 158 -5.13 16.56 15.89
C LEU A 158 -6.08 17.70 16.25
N LYS A 159 -5.60 18.92 16.29
CA LYS A 159 -6.44 20.14 16.43
C LYS A 159 -7.41 20.24 15.26
N PRO A 160 -8.61 20.84 15.44
CA PRO A 160 -9.56 20.95 14.34
C PRO A 160 -8.97 21.63 13.09
N SER A 161 -8.04 22.55 13.27
CA SER A 161 -7.38 23.33 12.19
C SER A 161 -6.21 22.53 11.55
N GLY A 162 -5.99 21.30 12.01
CA GLY A 162 -4.74 20.54 11.76
C GLY A 162 -4.71 19.89 10.39
N ASN A 163 -3.55 19.38 10.01
CA ASN A 163 -3.34 18.76 8.69
C ASN A 163 -2.73 17.36 8.87
N MET A 164 -2.73 16.58 7.80
N MET A 164 -2.83 16.55 7.80
CA MET A 164 -2.10 15.25 7.82
CA MET A 164 -2.29 15.16 7.68
C MET A 164 -1.32 15.08 6.53
C MET A 164 -1.29 15.14 6.51
N PHE A 165 -0.11 14.55 6.68
CA PHE A 165 0.89 14.39 5.61
C PHE A 165 1.33 12.93 5.61
N PRO A 166 0.80 12.06 4.73
CA PRO A 166 -0.04 12.44 3.59
C PRO A 166 -1.50 12.78 3.92
N THR A 167 -2.10 13.52 3.01
CA THR A 167 -3.45 14.09 3.19
C THR A 167 -4.51 13.19 2.54
N ILE A 168 -4.23 12.68 1.35
CA ILE A 168 -5.20 11.81 0.62
C ILE A 168 -4.42 10.66 0.00
N GLY A 169 -5.14 9.58 -0.28
CA GLY A 169 -4.63 8.40 -1.01
C GLY A 169 -5.54 8.07 -2.17
N ASP A 170 -4.98 7.82 -3.35
CA ASP A 170 -5.73 7.40 -4.57
C ASP A 170 -5.31 5.97 -4.91
N VAL A 171 -6.23 5.03 -4.90
CA VAL A 171 -5.98 3.67 -5.44
C VAL A 171 -6.41 3.67 -6.89
N HIS A 172 -5.54 3.17 -7.77
CA HIS A 172 -5.80 3.07 -9.22
C HIS A 172 -5.94 1.60 -9.57
N LEU A 173 -6.89 1.26 -10.40
N LEU A 173 -6.98 1.28 -10.35
CA LEU A 173 -6.93 -0.11 -10.95
CA LEU A 173 -7.26 -0.06 -10.95
C LEU A 173 -7.28 -0.01 -12.43
C LEU A 173 -7.22 0.07 -12.48
N ALA A 174 -6.70 -0.92 -13.20
CA ALA A 174 -6.81 -0.96 -14.67
C ALA A 174 -6.77 -2.39 -15.14
N PRO A 175 -7.53 -2.76 -16.19
CA PRO A 175 -7.45 -4.10 -16.74
C PRO A 175 -6.12 -4.31 -17.46
N PHE A 176 -5.55 -5.51 -17.35
CA PHE A 176 -4.32 -5.86 -18.05
C PHE A 176 -4.44 -7.14 -18.85
N THR A 177 -3.58 -7.22 -19.85
CA THR A 177 -3.41 -8.38 -20.73
C THR A 177 -1.99 -8.89 -20.56
N ASP A 178 -1.80 -10.15 -20.17
CA ASP A 178 -0.43 -10.68 -20.02
C ASP A 178 -0.51 -12.22 -20.00
N GLU A 179 -0.47 -12.85 -21.17
CA GLU A 179 -0.62 -14.34 -21.19
C GLU A 179 0.62 -14.98 -20.56
N GLN A 180 1.78 -14.34 -20.57
CA GLN A 180 2.99 -14.92 -19.93
C GLN A 180 2.72 -15.10 -18.42
N LEU A 181 2.14 -14.11 -17.76
CA LEU A 181 1.84 -14.23 -16.32
C LEU A 181 0.78 -15.31 -16.10
N TYR A 182 -0.26 -15.35 -16.92
CA TYR A 182 -1.33 -16.35 -16.82
C TYR A 182 -0.72 -17.76 -16.98
N MET A 183 0.08 -17.96 -18.01
N MET A 183 0.11 -17.96 -18.00
CA MET A 183 0.65 -19.29 -18.31
CA MET A 183 0.68 -19.30 -18.30
C MET A 183 1.56 -19.73 -17.16
C MET A 183 1.69 -19.72 -17.22
N GLU A 184 2.29 -18.81 -16.56
N GLU A 184 2.24 -18.76 -16.48
CA GLU A 184 3.25 -19.14 -15.46
CA GLU A 184 3.25 -19.02 -15.42
C GLU A 184 2.51 -19.86 -14.34
C GLU A 184 2.57 -19.69 -14.22
N GLN A 185 1.27 -19.48 -14.03
CA GLN A 185 0.52 -20.09 -12.91
C GLN A 185 0.44 -21.59 -13.13
N PHE A 186 0.29 -22.02 -14.36
CA PHE A 186 0.22 -23.46 -14.70
C PHE A 186 1.63 -24.05 -14.60
N THR A 187 2.63 -23.39 -15.16
CA THR A 187 4.04 -23.87 -15.15
C THR A 187 4.54 -24.04 -13.71
N LYS A 188 4.19 -23.13 -12.82
CA LYS A 188 4.68 -23.18 -11.41
C LYS A 188 4.18 -24.46 -10.74
N ALA A 189 3.09 -25.04 -11.22
CA ALA A 189 2.45 -26.22 -10.58
C ALA A 189 2.90 -27.51 -11.27
N ASN A 190 3.93 -27.44 -12.12
CA ASN A 190 4.31 -28.57 -13.02
C ASN A 190 4.65 -29.79 -12.17
N PHE A 191 5.17 -29.58 -10.97
CA PHE A 191 5.50 -30.67 -10.01
C PHE A 191 4.28 -31.58 -9.82
N TRP A 192 3.08 -31.00 -9.69
CA TRP A 192 1.83 -31.73 -9.34
C TRP A 192 1.26 -32.41 -10.57
N TYR A 193 1.81 -32.14 -11.76
CA TYR A 193 1.28 -32.74 -13.00
C TYR A 193 1.79 -34.16 -13.14
N GLN A 194 2.78 -34.59 -12.34
CA GLN A 194 3.54 -35.85 -12.55
C GLN A 194 2.66 -37.06 -12.23
N PRO A 195 2.34 -37.89 -13.24
CA PRO A 195 1.56 -39.09 -13.00
C PRO A 195 2.37 -40.24 -12.40
N SER A 196 3.70 -40.10 -12.24
CA SER A 196 4.58 -41.17 -11.73
C SER A 196 5.84 -40.66 -11.00
N PHE A 197 5.66 -40.07 -9.82
CA PHE A 197 6.75 -39.50 -9.00
C PHE A 197 7.10 -40.47 -7.88
N HIS A 198 8.24 -41.13 -7.97
CA HIS A 198 8.65 -42.15 -6.96
C HIS A 198 7.47 -43.06 -6.67
N GLY A 199 6.77 -43.50 -7.70
CA GLY A 199 5.70 -44.50 -7.56
C GLY A 199 4.36 -43.92 -7.17
N VAL A 200 4.22 -42.58 -7.14
CA VAL A 200 2.97 -41.90 -6.73
C VAL A 200 2.44 -41.06 -7.90
N ASP A 201 1.15 -41.15 -8.16
CA ASP A 201 0.49 -40.24 -9.13
C ASP A 201 0.10 -38.97 -8.37
N LEU A 202 0.71 -37.84 -8.72
CA LEU A 202 0.45 -36.55 -8.04
C LEU A 202 -0.65 -35.75 -8.75
N SER A 203 -1.09 -36.19 -9.92
CA SER A 203 -1.83 -35.33 -10.87
C SER A 203 -3.20 -34.90 -10.35
N ALA A 204 -3.82 -35.61 -9.41
CA ALA A 204 -5.13 -35.20 -8.87
C ALA A 204 -5.03 -33.87 -8.11
N LEU A 205 -3.82 -33.41 -7.75
CA LEU A 205 -3.67 -32.12 -7.03
C LEU A 205 -3.28 -31.00 -8.00
N ARG A 206 -3.12 -31.25 -9.30
CA ARG A 206 -2.70 -30.16 -10.25
C ARG A 206 -3.72 -29.02 -10.17
N GLY A 207 -5.02 -29.29 -10.19
CA GLY A 207 -6.07 -28.25 -10.13
C GLY A 207 -5.95 -27.40 -8.88
N ALA A 208 -5.81 -28.03 -7.72
CA ALA A 208 -5.70 -27.32 -6.44
C ALA A 208 -4.43 -26.45 -6.42
N ALA A 209 -3.32 -26.94 -6.95
CA ALA A 209 -2.04 -26.20 -6.94
C ALA A 209 -2.16 -24.97 -7.85
N VAL A 210 -2.73 -25.14 -9.02
CA VAL A 210 -2.91 -23.99 -9.96
C VAL A 210 -3.84 -22.98 -9.31
N ASP A 211 -4.93 -23.42 -8.71
CA ASP A 211 -5.91 -22.53 -8.05
C ASP A 211 -5.20 -21.74 -6.96
N GLU A 212 -4.32 -22.36 -6.17
CA GLU A 212 -3.61 -21.64 -5.10
C GLU A 212 -2.75 -20.51 -5.69
N TYR A 213 -2.04 -20.77 -6.76
CA TYR A 213 -1.17 -19.76 -7.41
C TYR A 213 -2.03 -18.60 -7.95
N PHE A 214 -3.18 -18.90 -8.52
CA PHE A 214 -4.08 -17.84 -9.04
C PHE A 214 -4.55 -16.93 -7.91
N ARG A 215 -4.61 -17.39 -6.66
CA ARG A 215 -5.13 -16.61 -5.52
C ARG A 215 -4.04 -15.78 -4.84
N GLN A 216 -2.82 -15.78 -5.39
CA GLN A 216 -1.73 -14.93 -4.89
C GLN A 216 -1.66 -13.65 -5.72
N PRO A 217 -1.89 -12.47 -5.10
CA PRO A 217 -1.60 -11.21 -5.80
C PRO A 217 -0.14 -11.20 -6.21
N VAL A 218 0.14 -10.66 -7.38
CA VAL A 218 1.50 -10.66 -7.97
C VAL A 218 2.13 -9.30 -7.73
N VAL A 219 3.22 -9.25 -6.98
CA VAL A 219 3.94 -7.98 -6.70
C VAL A 219 5.13 -7.92 -7.64
N ASP A 220 5.09 -7.04 -8.62
CA ASP A 220 6.19 -6.86 -9.58
C ASP A 220 5.86 -5.63 -10.40
N THR A 221 6.74 -5.25 -11.31
CA THR A 221 6.39 -4.16 -12.22
C THR A 221 6.17 -4.76 -13.61
N PHE A 222 5.78 -3.94 -14.55
CA PHE A 222 5.35 -4.37 -15.88
C PHE A 222 5.42 -3.18 -16.82
N ASP A 223 5.41 -3.52 -18.10
CA ASP A 223 5.38 -2.57 -19.22
C ASP A 223 3.98 -1.97 -19.26
N ILE A 224 3.85 -0.65 -19.35
CA ILE A 224 2.55 0.05 -19.32
C ILE A 224 1.67 -0.38 -20.51
N ARG A 225 2.25 -0.97 -21.54
CA ARG A 225 1.43 -1.38 -22.70
C ARG A 225 0.52 -2.56 -22.38
N ILE A 226 0.72 -3.28 -21.26
CA ILE A 226 -0.25 -4.35 -20.89
C ILE A 226 -1.57 -3.73 -20.40
N LEU A 227 -1.64 -2.42 -20.13
CA LEU A 227 -2.87 -1.82 -19.59
C LEU A 227 -3.83 -1.51 -20.74
N MET A 228 -5.07 -1.92 -20.61
CA MET A 228 -5.99 -1.93 -21.77
C MET A 228 -7.03 -0.80 -21.69
N ALA A 229 -7.04 -0.03 -20.61
CA ALA A 229 -8.01 1.08 -20.39
C ALA A 229 -7.37 2.07 -19.46
N LYS A 230 -7.85 3.31 -19.48
CA LYS A 230 -7.47 4.30 -18.46
C LYS A 230 -7.96 3.78 -17.10
N SER A 231 -7.17 4.05 -16.05
CA SER A 231 -7.46 3.58 -14.69
C SER A 231 -8.73 4.20 -14.11
N VAL A 232 -9.36 3.49 -13.20
CA VAL A 232 -10.40 3.99 -12.26
C VAL A 232 -9.67 4.37 -10.96
N LYS A 233 -10.07 5.49 -10.37
CA LYS A 233 -9.45 6.08 -9.17
C LYS A 233 -10.43 5.95 -8.01
N TYR A 234 -9.99 5.47 -6.88
CA TYR A 234 -10.73 5.45 -5.61
C TYR A 234 -9.96 6.26 -4.59
N THR A 235 -10.54 7.37 -4.11
CA THR A 235 -9.85 8.33 -3.23
C THR A 235 -10.28 8.13 -1.78
N VAL A 236 -9.32 8.08 -0.87
CA VAL A 236 -9.53 8.12 0.58
C VAL A 236 -8.96 9.45 1.08
N ASN A 237 -9.80 10.28 1.67
CA ASN A 237 -9.38 11.57 2.25
C ASN A 237 -9.05 11.31 3.71
N PHE A 238 -7.77 11.33 4.10
CA PHE A 238 -7.38 10.94 5.46
C PHE A 238 -7.85 11.98 6.50
N LEU A 239 -8.12 13.22 6.10
CA LEU A 239 -8.70 14.24 7.01
C LEU A 239 -10.14 13.87 7.38
N GLU A 240 -10.86 13.14 6.51
CA GLU A 240 -12.31 12.85 6.69
C GLU A 240 -12.53 11.42 7.13
N ALA A 241 -11.70 10.47 6.68
CA ALA A 241 -11.95 9.04 6.85
C ALA A 241 -11.90 8.64 8.33
N LYS A 242 -12.74 7.69 8.72
CA LYS A 242 -12.71 7.06 10.04
C LYS A 242 -12.01 5.70 9.93
N GLU A 243 -11.36 5.31 11.01
CA GLU A 243 -10.64 4.01 11.12
C GLU A 243 -11.52 2.88 10.58
N GLY A 244 -12.79 2.82 11.01
CA GLY A 244 -13.72 1.75 10.62
C GLY A 244 -14.02 1.73 9.13
N ASP A 245 -13.85 2.85 8.44
CA ASP A 245 -14.12 2.94 6.98
C ASP A 245 -13.26 1.91 6.23
N LEU A 246 -12.08 1.54 6.75
CA LEU A 246 -11.10 0.73 5.98
C LEU A 246 -11.30 -0.77 6.23
N HIS A 247 -12.30 -1.18 7.01
CA HIS A 247 -12.56 -2.61 7.27
C HIS A 247 -13.14 -3.30 6.04
N ARG A 248 -13.90 -2.55 5.24
N ARG A 248 -13.89 -2.54 5.27
CA ARG A 248 -14.54 -3.05 4.00
CA ARG A 248 -14.54 -2.98 4.02
C ARG A 248 -14.51 -1.93 2.96
C ARG A 248 -14.42 -1.86 3.01
N ILE A 249 -13.76 -2.14 1.88
CA ILE A 249 -13.52 -1.12 0.83
C ILE A 249 -14.08 -1.69 -0.47
N GLU A 250 -15.12 -1.06 -1.00
CA GLU A 250 -15.80 -1.56 -2.20
C GLU A 250 -15.55 -0.58 -3.33
N ILE A 251 -14.91 -1.04 -4.41
CA ILE A 251 -14.48 -0.21 -5.54
C ILE A 251 -15.19 -0.70 -6.79
N PRO A 252 -16.34 -0.11 -7.16
CA PRO A 252 -16.97 -0.44 -8.42
C PRO A 252 -16.14 0.14 -9.56
N PHE A 253 -16.21 -0.47 -10.73
CA PHE A 253 -15.48 0.04 -11.91
C PHE A 253 -16.28 -0.22 -13.19
N LYS A 254 -16.07 0.69 -14.14
CA LYS A 254 -16.50 0.53 -15.54
C LYS A 254 -15.39 1.06 -16.40
N PHE A 255 -14.71 0.17 -17.11
CA PHE A 255 -13.61 0.54 -17.99
C PHE A 255 -14.08 0.67 -19.42
N HIS A 256 -13.60 1.73 -20.07
N HIS A 256 -13.75 1.79 -20.08
CA HIS A 256 -13.79 1.97 -21.52
CA HIS A 256 -13.89 1.88 -21.55
C HIS A 256 -12.58 1.36 -22.25
C HIS A 256 -12.63 1.32 -22.18
N MET A 257 -12.75 0.17 -22.81
CA MET A 257 -11.59 -0.57 -23.33
C MET A 257 -10.97 0.18 -24.51
N LEU A 258 -9.65 0.35 -24.49
CA LEU A 258 -8.89 1.07 -25.56
C LEU A 258 -8.16 0.10 -26.47
N HIS A 259 -8.03 -1.15 -26.05
CA HIS A 259 -7.26 -2.21 -26.75
C HIS A 259 -8.12 -3.46 -26.80
N SER A 260 -7.86 -4.29 -27.81
CA SER A 260 -8.54 -5.58 -28.07
C SER A 260 -7.60 -6.72 -27.67
N GLY A 261 -8.13 -7.65 -26.88
CA GLY A 261 -7.36 -8.84 -26.49
C GLY A 261 -7.97 -9.50 -25.26
N LEU A 262 -7.27 -10.50 -24.74
CA LEU A 262 -7.70 -11.14 -23.48
C LEU A 262 -7.30 -10.28 -22.29
N VAL A 263 -8.28 -10.00 -21.46
CA VAL A 263 -8.09 -9.37 -20.12
C VAL A 263 -7.82 -10.51 -19.14
N HIS A 264 -6.62 -10.56 -18.58
CA HIS A 264 -6.23 -11.61 -17.60
C HIS A 264 -6.53 -11.19 -16.17
N GLY A 265 -6.70 -9.91 -15.87
CA GLY A 265 -6.92 -9.48 -14.51
C GLY A 265 -6.89 -7.98 -14.36
N LEU A 266 -6.73 -7.52 -13.13
CA LEU A 266 -6.66 -6.09 -12.77
C LEU A 266 -5.29 -5.79 -12.18
N ALA A 267 -4.74 -4.65 -12.59
CA ALA A 267 -3.49 -4.10 -12.05
C ALA A 267 -3.84 -2.97 -11.11
N PHE A 268 -3.08 -2.84 -10.04
CA PHE A 268 -3.32 -1.86 -8.96
C PHE A 268 -2.04 -1.10 -8.67
N TRP A 269 -2.21 0.17 -8.35
CA TRP A 269 -1.14 1.02 -7.79
C TRP A 269 -1.81 2.13 -6.99
N PHE A 270 -1.02 2.99 -6.38
CA PHE A 270 -1.61 4.06 -5.55
C PHE A 270 -0.73 5.29 -5.62
N ASP A 271 -1.34 6.43 -5.39
CA ASP A 271 -0.65 7.71 -5.16
C ASP A 271 -1.07 8.25 -3.80
N VAL A 272 -0.19 9.00 -3.14
CA VAL A 272 -0.62 9.84 -1.99
C VAL A 272 -0.20 11.28 -2.29
N ALA A 273 -1.02 12.20 -1.81
CA ALA A 273 -0.74 13.64 -1.95
C ALA A 273 -0.55 14.24 -0.56
N PHE A 274 0.45 15.10 -0.48
CA PHE A 274 0.77 15.94 0.69
C PHE A 274 0.31 17.36 0.33
N ILE A 275 -0.86 17.74 0.84
CA ILE A 275 -1.54 18.99 0.41
C ILE A 275 -1.17 20.08 1.41
N GLY A 276 -0.08 20.79 1.14
CA GLY A 276 0.44 21.86 2.01
C GLY A 276 -0.13 23.21 1.63
N SER A 277 0.19 24.22 2.43
CA SER A 277 -0.16 25.64 2.14
C SER A 277 0.57 26.14 0.92
N ILE A 278 1.82 25.72 0.69
CA ILE A 278 2.70 26.26 -0.38
C ILE A 278 2.51 25.40 -1.62
N MET A 279 2.57 24.09 -1.46
CA MET A 279 2.30 23.25 -2.64
C MET A 279 1.81 21.87 -2.27
N THR A 280 1.25 21.21 -3.27
CA THR A 280 0.87 19.79 -3.20
C THR A 280 1.97 18.97 -3.83
N VAL A 281 2.46 17.99 -3.07
CA VAL A 281 3.52 17.07 -3.52
C VAL A 281 2.89 15.68 -3.62
N TRP A 282 3.14 14.99 -4.72
CA TRP A 282 2.64 13.62 -4.95
C TRP A 282 3.76 12.59 -4.81
N LEU A 283 3.45 11.48 -4.15
CA LEU A 283 4.24 10.22 -4.18
C LEU A 283 3.42 9.23 -5.00
N SER A 284 3.88 8.87 -6.18
CA SER A 284 3.15 7.97 -7.09
C SER A 284 3.88 6.65 -7.18
N THR A 285 3.13 5.55 -7.12
CA THR A 285 3.70 4.21 -7.40
C THR A 285 3.18 3.68 -8.75
N ALA A 286 2.74 4.56 -9.63
CA ALA A 286 2.23 4.18 -10.96
C ALA A 286 3.34 3.57 -11.80
N PRO A 287 2.99 2.69 -12.77
CA PRO A 287 4.00 2.05 -13.61
C PRO A 287 4.55 2.99 -14.69
N THR A 288 4.04 4.21 -14.75
CA THR A 288 4.59 5.32 -15.58
C THR A 288 5.65 6.09 -14.82
N GLU A 289 5.82 5.83 -13.52
CA GLU A 289 6.73 6.60 -12.64
C GLU A 289 7.88 5.72 -12.21
N PRO A 290 8.99 6.31 -11.71
CA PRO A 290 10.10 5.51 -11.22
C PRO A 290 9.67 4.45 -10.19
N LEU A 291 10.28 3.28 -10.30
CA LEU A 291 9.89 2.13 -9.47
C LEU A 291 10.17 2.45 -8.00
N THR A 292 9.28 2.00 -7.13
CA THR A 292 9.42 2.07 -5.66
C THR A 292 9.37 0.67 -5.08
N HIS A 293 9.60 0.56 -3.78
CA HIS A 293 9.56 -0.73 -3.06
C HIS A 293 8.11 -1.24 -2.98
N TRP A 294 7.11 -0.44 -3.33
CA TRP A 294 5.70 -0.91 -3.41
C TRP A 294 5.44 -1.63 -4.73
N TYR A 295 6.32 -1.46 -5.73
CA TYR A 295 6.14 -2.01 -7.09
C TYR A 295 4.71 -1.67 -7.55
N GLN A 296 4.04 -2.65 -8.15
CA GLN A 296 2.59 -2.61 -8.48
C GLN A 296 2.03 -3.99 -8.14
N VAL A 297 0.71 -4.16 -8.13
CA VAL A 297 0.12 -5.46 -7.76
C VAL A 297 -0.83 -5.87 -8.86
N ARG A 298 -0.78 -7.13 -9.25
CA ARG A 298 -1.73 -7.68 -10.24
C ARG A 298 -2.51 -8.83 -9.62
N CYS A 299 -3.80 -8.85 -9.88
CA CYS A 299 -4.70 -9.93 -9.44
C CYS A 299 -5.30 -10.56 -10.70
N LEU A 300 -5.03 -11.83 -10.93
CA LEU A 300 -5.63 -12.55 -12.06
C LEU A 300 -7.11 -12.81 -11.83
N PHE A 301 -7.88 -12.82 -12.89
CA PHE A 301 -9.20 -13.51 -12.91
C PHE A 301 -8.94 -15.02 -12.96
N GLN A 302 -9.93 -15.80 -12.53
CA GLN A 302 -9.84 -17.27 -12.67
C GLN A 302 -9.81 -17.70 -14.15
N SER A 303 -10.37 -16.88 -15.03
N SER A 303 -10.47 -16.92 -15.02
CA SER A 303 -10.34 -17.18 -16.48
CA SER A 303 -10.50 -17.17 -16.48
C SER A 303 -10.41 -15.86 -17.23
C SER A 303 -10.38 -15.82 -17.20
N PRO A 304 -9.63 -15.72 -18.32
CA PRO A 304 -9.52 -14.45 -19.01
C PRO A 304 -10.77 -14.14 -19.84
N LEU A 305 -10.96 -12.85 -20.10
CA LEU A 305 -12.17 -12.32 -20.79
C LEU A 305 -11.71 -11.64 -22.08
N PHE A 306 -12.33 -11.98 -23.19
CA PHE A 306 -12.03 -11.27 -24.45
C PHE A 306 -12.80 -9.96 -24.51
N ALA A 307 -12.10 -8.87 -24.71
CA ALA A 307 -12.70 -7.53 -24.90
C ALA A 307 -12.15 -6.93 -26.18
N LYS A 308 -13.01 -6.26 -26.94
CA LYS A 308 -12.51 -5.44 -28.07
C LYS A 308 -12.53 -3.97 -27.65
N ALA A 309 -11.68 -3.19 -28.29
CA ALA A 309 -11.65 -1.73 -28.12
C ALA A 309 -13.09 -1.21 -28.33
N GLY A 310 -13.56 -0.37 -27.41
CA GLY A 310 -14.92 0.15 -27.42
C GLY A 310 -15.87 -0.59 -26.51
N ASP A 311 -15.54 -1.83 -26.11
CA ASP A 311 -16.36 -2.55 -25.11
C ASP A 311 -16.21 -1.88 -23.75
N THR A 312 -17.07 -2.26 -22.83
CA THR A 312 -16.95 -1.83 -21.43
C THR A 312 -16.80 -3.08 -20.56
N LEU A 313 -15.89 -2.98 -19.61
CA LEU A 313 -15.63 -4.03 -18.61
C LEU A 313 -16.09 -3.49 -17.26
N SER A 314 -17.11 -4.07 -16.68
CA SER A 314 -17.71 -3.54 -15.44
C SER A 314 -17.60 -4.59 -14.33
N GLY A 315 -17.56 -4.15 -13.11
CA GLY A 315 -17.49 -5.07 -11.98
C GLY A 315 -17.14 -4.38 -10.71
N THR A 316 -16.67 -5.14 -9.74
CA THR A 316 -16.37 -4.62 -8.40
C THR A 316 -15.09 -5.24 -7.89
N CYS A 317 -14.25 -4.45 -7.23
CA CYS A 317 -13.14 -4.95 -6.39
C CYS A 317 -13.52 -4.69 -4.95
N LEU A 318 -13.66 -5.74 -4.15
CA LEU A 318 -14.03 -5.62 -2.73
C LEU A 318 -12.84 -6.06 -1.88
N LEU A 319 -12.37 -5.19 -0.99
CA LEU A 319 -11.28 -5.49 -0.03
C LEU A 319 -11.90 -5.65 1.35
N ILE A 320 -11.73 -6.83 1.97
CA ILE A 320 -12.26 -7.10 3.33
C ILE A 320 -11.06 -7.35 4.25
N ALA A 321 -10.91 -6.53 5.28
CA ALA A 321 -9.78 -6.63 6.22
C ALA A 321 -9.89 -7.95 6.95
N ASN A 322 -8.76 -8.61 7.21
CA ASN A 322 -8.74 -9.95 7.88
C ASN A 322 -7.85 -9.87 9.13
N LYS A 323 -7.78 -10.99 9.85
CA LYS A 323 -7.12 -11.07 11.17
C LYS A 323 -5.61 -11.25 11.00
N ARG A 324 -5.10 -11.29 9.76
CA ARG A 324 -3.64 -11.41 9.51
C ARG A 324 -3.06 -10.06 9.06
N GLN A 325 -3.68 -8.95 9.49
CA GLN A 325 -3.25 -7.54 9.20
C GLN A 325 -3.25 -7.32 7.69
N SER A 326 -4.09 -8.04 6.95
CA SER A 326 -4.11 -7.93 5.48
C SER A 326 -5.57 -7.88 5.02
N TYR A 327 -5.79 -8.18 3.75
CA TYR A 327 -7.11 -8.10 3.10
C TYR A 327 -7.33 -9.34 2.25
N ASP A 328 -8.57 -9.80 2.25
CA ASP A 328 -9.14 -10.70 1.24
C ASP A 328 -9.65 -9.81 0.10
N ILE A 329 -9.31 -10.16 -1.13
CA ILE A 329 -9.61 -9.35 -2.33
C ILE A 329 -10.59 -10.14 -3.17
N SER A 330 -11.82 -9.65 -3.31
CA SER A 330 -12.85 -10.27 -4.16
C SER A 330 -12.98 -9.43 -5.43
N ILE A 331 -12.75 -10.01 -6.59
CA ILE A 331 -12.90 -9.29 -7.88
C ILE A 331 -13.94 -10.03 -8.70
N VAL A 332 -14.81 -9.25 -9.34
N VAL A 332 -14.86 -9.28 -9.31
CA VAL A 332 -15.80 -9.78 -10.32
CA VAL A 332 -15.82 -9.82 -10.31
C VAL A 332 -15.78 -8.81 -11.50
C VAL A 332 -15.83 -8.83 -11.48
N ALA A 333 -15.84 -9.33 -12.71
CA ALA A 333 -15.80 -8.48 -13.91
C ALA A 333 -16.63 -9.15 -15.01
N GLN A 334 -17.26 -8.32 -15.82
CA GLN A 334 -17.99 -8.82 -17.00
C GLN A 334 -17.70 -7.90 -18.17
N VAL A 335 -17.57 -8.48 -19.37
CA VAL A 335 -17.61 -7.68 -20.62
C VAL A 335 -19.08 -7.41 -20.93
N ASP A 336 -19.49 -6.15 -20.91
CA ASP A 336 -20.94 -5.79 -20.94
C ASP A 336 -21.53 -6.26 -22.27
N GLN A 337 -20.78 -6.22 -23.34
CA GLN A 337 -21.30 -6.43 -24.72
C GLN A 337 -21.54 -7.92 -24.96
N THR A 338 -20.85 -8.82 -24.25
CA THR A 338 -20.95 -10.29 -24.48
C THR A 338 -21.58 -10.99 -23.29
N GLY A 339 -21.49 -10.43 -22.09
CA GLY A 339 -21.90 -11.11 -20.85
C GLY A 339 -20.85 -12.06 -20.29
N SER A 340 -19.71 -12.21 -20.97
N SER A 340 -19.70 -12.22 -20.96
CA SER A 340 -18.57 -13.02 -20.48
CA SER A 340 -18.59 -13.10 -20.48
C SER A 340 -18.18 -12.49 -19.09
C SER A 340 -18.06 -12.54 -19.15
N LYS A 341 -18.02 -13.38 -18.11
CA LYS A 341 -17.70 -12.93 -16.74
C LYS A 341 -16.68 -13.87 -16.09
N SER A 342 -15.92 -13.30 -15.16
CA SER A 342 -15.02 -14.10 -14.31
C SER A 342 -14.88 -13.41 -12.96
N SER A 343 -14.12 -14.03 -12.08
CA SER A 343 -14.00 -13.60 -10.68
C SER A 343 -12.75 -14.23 -10.09
N ASN A 344 -12.40 -13.77 -8.92
CA ASN A 344 -11.36 -14.44 -8.12
C ASN A 344 -11.50 -13.96 -6.69
N LEU A 345 -10.91 -14.71 -5.77
CA LEU A 345 -10.82 -14.34 -4.36
C LEU A 345 -9.39 -14.58 -3.93
N LEU A 346 -8.66 -13.51 -3.66
CA LEU A 346 -7.21 -13.55 -3.41
C LEU A 346 -6.89 -13.18 -1.96
N ASP A 347 -5.72 -13.59 -1.51
CA ASP A 347 -5.29 -13.27 -0.13
C ASP A 347 -4.02 -12.42 -0.21
N LEU A 348 -4.11 -11.18 0.20
CA LEU A 348 -2.96 -10.26 0.09
C LEU A 348 -1.91 -10.61 1.17
N LYS A 349 -2.24 -11.50 2.10
CA LYS A 349 -1.21 -12.03 3.06
C LYS A 349 -0.20 -12.94 2.34
N ASN A 350 -0.52 -13.52 1.19
CA ASN A 350 0.32 -14.55 0.50
C ASN A 350 0.67 -14.06 -0.91
N PRO A 351 1.33 -12.89 -1.05
CA PRO A 351 1.66 -12.39 -2.37
C PRO A 351 2.78 -13.22 -3.01
N PHE A 352 2.77 -13.27 -4.33
CA PHE A 352 3.89 -13.80 -5.16
C PHE A 352 4.82 -12.63 -5.49
N PHE A 353 6.04 -12.63 -4.95
CA PHE A 353 7.05 -11.60 -5.27
C PHE A 353 7.79 -12.05 -6.52
N ARG A 354 7.37 -11.56 -7.67
CA ARG A 354 7.81 -12.04 -9.01
C ARG A 354 8.97 -11.19 -9.52
N TYR A 355 9.14 -9.96 -9.03
CA TYR A 355 10.29 -9.05 -9.33
C TYR A 355 11.62 -9.75 -9.02
N THR A 356 11.76 -10.31 -7.81
#